data_9LKF
#
_entry.id   9LKF
#
_cell.length_a   37.681
_cell.length_b   48.382
_cell.length_c   119.709
_cell.angle_alpha   90.00
_cell.angle_beta   90.00
_cell.angle_gamma   90.00
#
_symmetry.space_group_name_H-M   'P 2 2 2'
#
loop_
_entity.id
_entity.type
_entity.pdbx_description
1 polymer 'PRTg (71-MER)'
2 non-polymer GUANOSINE
3 non-polymer 'MAGNESIUM ION'
4 water water
#
_entity_poly.entity_id   1
_entity_poly.type   'polyribonucleotide'
_entity_poly.pdbx_seq_one_letter_code
;GGGUUGUAUAAGCUCGUUAAUUUGGAAUGAGCGUAUCUACAGGCAACCGUAAAUUGCCCCAGGCUACAAUC
;
_entity_poly.pdbx_strand_id   A
#
loop_
_chem_comp.id
_chem_comp.type
_chem_comp.name
_chem_comp.formula
A RNA linking ADENOSINE-5'-MONOPHOSPHATE 'C10 H14 N5 O7 P'
C RNA linking CYTIDINE-5'-MONOPHOSPHATE 'C9 H14 N3 O8 P'
G RNA linking GUANOSINE-5'-MONOPHOSPHATE 'C10 H14 N5 O8 P'
GMP non-polymer GUANOSINE 'C10 H13 N5 O5'
MG non-polymer 'MAGNESIUM ION' 'Mg 2'
U RNA linking URIDINE-5'-MONOPHOSPHATE 'C9 H13 N2 O9 P'
#
# COMPACT_ATOMS: atom_id res chain seq x y z
O5' GMP B . 3.29 -2.01 -0.30
C5' GMP B . 3.56 -1.02 -1.27
C4' GMP B . 3.68 0.36 -0.66
O4' GMP B . 2.50 1.13 -1.00
C3' GMP B . 3.79 0.40 0.86
O3' GMP B . 5.11 0.65 1.30
C2' GMP B . 2.81 1.49 1.30
O2' GMP B . 3.46 2.76 1.33
C1' GMP B . 1.79 1.48 0.16
N9 GMP B . 0.67 0.53 0.34
C8 GMP B . 0.55 -0.60 1.12
N7 GMP B . -0.60 -1.20 1.00
C5 GMP B . -1.29 -0.44 0.08
C6 GMP B . -2.59 -0.59 -0.46
O6 GMP B . -3.42 -1.46 -0.24
N1 GMP B . -2.85 0.43 -1.37
C2 GMP B . -2.01 1.44 -1.70
N2 GMP B . -2.45 2.33 -2.59
N3 GMP B . -0.82 1.58 -1.20
C4 GMP B . -0.52 0.63 -0.33
MG MG C . -8.83 -5.48 2.16
MG MG D . -5.83 -2.42 1.47
#